data_8IDN
#
_entry.id   8IDN
#
_cell.length_a   1.00
_cell.length_b   1.00
_cell.length_c   1.00
_cell.angle_alpha   90.00
_cell.angle_beta   90.00
_cell.angle_gamma   90.00
#
_symmetry.space_group_name_H-M   'P 1'
#
loop_
_entity.id
_entity.type
_entity.pdbx_description
1 polymer 'Spike protein S1'
2 polymer 'E77 Fab heavy chain'
3 polymer 'E77 Fab light chain'
4 branched alpha-D-mannopyranose-(1-3)-beta-D-mannopyranose-(1-4)-2-acetamido-2-deoxy-beta-D-glucopyranose-(1-4)-2-acetamido-2-deoxy-beta-D-glucopyranose
#
loop_
_entity_poly.entity_id
_entity_poly.type
_entity_poly.pdbx_seq_one_letter_code
_entity_poly.pdbx_strand_id
1 'polypeptide(L)'
;ITNLCPFGEVFNATRFATVYAWNRKRISNCVADYSVLYNSASFSTFKCYGVSPTKLNDLCFTNVYADSFVIRGDEVRQIA
PGQTGKIADYNYKLPDDFTGCVIAWNSNNLDSKVGGNYNYLYRLFRKSNLKPFERDISTEIYQAGSTPCNGVEGFNCYFP
LQSYGFQPTNGVGYQPYRVVVLSFELLHAPATVCGPKKSTHHHHHH
;
A
2 'polypeptide(L)'
;MGWSCIILFLVATATGVHSQVQLKESGPGLVAPSQSLSITCTVSGLSLIGYGVNWVRQPPGKGLEWLGMIWGDGSTDYNS
TLKSRLSISKDNSKSQIFLKMNSLQTIDDARYYCVRDDDYDGQFAYWGQGTLVTVSAAKTTPPSVYPLAPGSAAQTNSMV
TLGCLVKGYFPEPVTVTWNSGSLSSGVHTFPAVLQSDLYTLSSSVTVPSSTWPSETVTCNVAHPASSTKVDKKIVPRDC
;
H
3 'polypeptide(L)'
;MGWSCIILFLVATATGVHSQAVVTQESALTTSPGETVTLTCRSSTGAVTISNYVNWVQEKPDHLFTGLIGATNSRAPGVP
ARFSGSLIGDKAALTITGAQTEDEAIYFCALWYSNHWVFGGGTKLTVLGQPKSTPSLTVFPPSSEELKENKATLVCLISN
FSPSGVTVAWKANGTPITQGVDTSNPTKEGNKFMASSFLHLTSDQWRSHNSFTCQVTHEGDTVEKSLSPAECL
;
L
#
loop_
_chem_comp.id
_chem_comp.type
_chem_comp.name
_chem_comp.formula
BMA D-saccharide, beta linking beta-D-mannopyranose 'C6 H12 O6'
MAN D-saccharide, alpha linking alpha-D-mannopyranose 'C6 H12 O6'
NAG D-saccharide, beta linking 2-acetamido-2-deoxy-beta-D-glucopyranose 'C8 H15 N O6'
#
# COMPACT_ATOMS: atom_id res chain seq x y z
N THR A 2 40.21 18.69 6.43
CA THR A 2 39.50 18.01 5.34
C THR A 2 38.02 18.40 5.33
N ASN A 3 37.59 18.98 4.21
CA ASN A 3 36.20 19.41 4.05
C ASN A 3 35.28 18.21 3.77
N LEU A 4 34.83 17.59 4.84
CA LEU A 4 33.92 16.45 4.72
C LEU A 4 32.59 16.88 4.12
N CYS A 5 32.02 15.99 3.31
CA CYS A 5 30.75 16.29 2.66
C CYS A 5 29.65 16.39 3.71
N PRO A 6 28.78 17.38 3.64
CA PRO A 6 27.75 17.55 4.68
C PRO A 6 26.67 16.50 4.62
N PHE A 7 27.03 15.23 4.86
CA PHE A 7 26.03 14.18 4.92
C PHE A 7 25.23 14.23 6.21
N GLY A 8 25.83 14.72 7.30
CA GLY A 8 25.13 14.76 8.57
C GLY A 8 23.91 15.64 8.55
N GLU A 9 23.98 16.77 7.86
CA GLU A 9 22.82 17.65 7.75
C GLU A 9 21.74 17.08 6.84
N VAL A 10 22.03 15.99 6.12
CA VAL A 10 21.05 15.35 5.26
C VAL A 10 20.32 14.26 6.03
N PHE A 11 21.09 13.32 6.60
CA PHE A 11 20.49 12.23 7.36
C PHE A 11 19.79 12.74 8.61
N ASN A 12 20.42 13.68 9.32
CA ASN A 12 19.93 14.14 10.62
C ASN A 12 19.25 15.49 10.55
N ALA A 13 18.65 15.84 9.41
CA ALA A 13 17.95 17.11 9.30
C ALA A 13 16.71 17.11 10.21
N THR A 14 16.34 18.31 10.67
CA THR A 14 15.21 18.43 11.58
C THR A 14 13.92 17.99 10.91
N ARG A 15 13.69 18.41 9.67
CA ARG A 15 12.52 18.03 8.92
C ARG A 15 12.91 17.59 7.52
N PHE A 16 12.12 16.67 6.95
CA PHE A 16 12.33 16.23 5.58
C PHE A 16 11.20 16.71 4.68
N ALA A 17 11.38 16.48 3.38
CA ALA A 17 10.49 16.98 2.35
C ALA A 17 9.29 16.06 2.15
N THR A 18 8.22 16.64 1.62
CA THR A 18 7.01 15.90 1.31
C THR A 18 7.23 15.06 0.04
N VAL A 19 6.35 14.08 -0.16
CA VAL A 19 6.53 13.11 -1.24
C VAL A 19 6.52 13.81 -2.60
N TYR A 20 5.53 14.67 -2.84
CA TYR A 20 5.42 15.27 -4.16
C TYR A 20 6.49 16.33 -4.39
N ALA A 21 6.86 17.06 -3.35
CA ALA A 21 7.87 18.12 -3.44
C ALA A 21 9.12 17.63 -2.73
N TRP A 22 9.96 16.91 -3.47
CA TRP A 22 11.22 16.40 -2.96
C TRP A 22 12.33 17.43 -3.19
N ASN A 23 13.13 17.66 -2.16
CA ASN A 23 14.20 18.65 -2.21
C ASN A 23 15.48 18.02 -2.72
N ARG A 24 16.18 18.75 -3.60
CA ARG A 24 17.41 18.30 -4.21
C ARG A 24 18.57 19.13 -3.67
N LYS A 25 19.63 18.45 -3.24
CA LYS A 25 20.82 19.10 -2.71
C LYS A 25 22.03 18.75 -3.57
N ARG A 26 22.87 19.75 -3.81
CA ARG A 26 24.08 19.58 -4.62
C ARG A 26 25.27 19.33 -3.71
N ILE A 27 26.04 18.29 -4.01
CA ILE A 27 27.22 17.91 -3.25
C ILE A 27 28.43 18.02 -4.17
N SER A 28 29.39 18.86 -3.80
CA SER A 28 30.60 19.03 -4.60
C SER A 28 31.68 19.66 -3.73
N ASN A 29 32.92 19.56 -4.20
CA ASN A 29 34.08 20.16 -3.54
C ASN A 29 34.21 19.69 -2.09
N CYS A 30 34.06 18.39 -1.89
CA CYS A 30 34.17 17.82 -0.55
C CYS A 30 34.59 16.36 -0.67
N VAL A 31 34.90 15.75 0.47
CA VAL A 31 35.32 14.37 0.56
C VAL A 31 34.31 13.61 1.41
N ALA A 32 33.91 12.43 0.94
CA ALA A 32 32.91 11.61 1.61
C ALA A 32 33.55 10.32 2.12
N ASP A 33 32.80 9.61 2.95
CA ASP A 33 33.25 8.33 3.51
C ASP A 33 32.01 7.46 3.73
N TYR A 34 31.77 6.54 2.80
CA TYR A 34 30.59 5.69 2.85
C TYR A 34 30.77 4.45 3.71
N SER A 35 31.99 4.16 4.18
CA SER A 35 32.21 3.01 5.04
C SER A 35 31.46 3.14 6.35
N VAL A 36 31.49 4.34 6.95
CA VAL A 36 30.74 4.58 8.17
C VAL A 36 29.25 4.45 7.92
N LEU A 37 28.78 4.96 6.78
CA LEU A 37 27.37 4.85 6.43
C LEU A 37 26.94 3.39 6.30
N TYR A 38 27.78 2.56 5.68
CA TYR A 38 27.44 1.16 5.51
C TYR A 38 27.50 0.40 6.84
N ASN A 39 28.51 0.68 7.67
CA ASN A 39 28.70 -0.05 8.91
C ASN A 39 27.84 0.49 10.05
N SER A 40 27.12 1.59 9.85
CA SER A 40 26.26 2.12 10.91
C SER A 40 25.15 1.13 11.25
N ALA A 41 24.57 0.48 10.23
CA ALA A 41 23.50 -0.49 10.40
C ALA A 41 22.28 0.11 11.09
N SER A 42 22.08 1.42 10.93
CA SER A 42 20.93 2.12 11.47
C SER A 42 19.82 2.28 10.44
N PHE A 43 19.98 1.74 9.24
CA PHE A 43 19.01 1.86 8.17
C PHE A 43 18.33 0.52 7.94
N SER A 44 17.00 0.53 7.89
CA SER A 44 16.25 -0.71 7.67
C SER A 44 16.50 -1.27 6.27
N THR A 45 16.55 -0.40 5.26
CA THR A 45 16.72 -0.82 3.88
C THR A 45 18.01 -0.26 3.31
N PHE A 46 18.82 -1.13 2.72
CA PHE A 46 20.07 -0.75 2.07
C PHE A 46 20.30 -1.71 0.90
N LYS A 47 19.84 -1.30 -0.27
CA LYS A 47 20.06 -2.07 -1.49
C LYS A 47 20.22 -1.10 -2.67
N CYS A 48 21.00 -1.53 -3.65
CA CYS A 48 21.28 -0.72 -4.83
C CYS A 48 22.10 -1.55 -5.82
N TYR A 49 22.17 -1.06 -7.05
CA TYR A 49 22.80 -1.77 -8.15
C TYR A 49 23.92 -0.93 -8.76
N GLY A 50 24.80 -1.61 -9.48
CA GLY A 50 25.91 -0.95 -10.14
C GLY A 50 27.14 -0.88 -9.25
N VAL A 51 27.37 0.29 -8.64
CA VAL A 51 28.51 0.45 -7.74
C VAL A 51 28.29 -0.36 -6.48
N SER A 52 29.39 -0.81 -5.87
CA SER A 52 29.28 -1.60 -4.65
C SER A 52 29.66 -0.76 -3.44
N PRO A 53 28.98 -0.95 -2.31
CA PRO A 53 29.35 -0.21 -1.09
C PRO A 53 30.76 -0.49 -0.63
N THR A 54 31.26 -1.71 -0.82
CA THR A 54 32.61 -2.04 -0.38
C THR A 54 33.66 -1.26 -1.15
N LYS A 55 33.48 -1.10 -2.46
CA LYS A 55 34.43 -0.42 -3.31
C LYS A 55 34.01 1.01 -3.64
N LEU A 56 32.98 1.53 -2.96
CA LEU A 56 32.53 2.90 -3.22
C LEU A 56 33.50 3.94 -2.68
N ASN A 57 34.41 3.55 -1.78
CA ASN A 57 35.28 4.53 -1.14
C ASN A 57 36.31 5.09 -2.13
N ASP A 58 36.94 4.22 -2.91
CA ASP A 58 37.97 4.66 -3.86
C ASP A 58 37.37 4.88 -5.24
N LEU A 59 36.40 5.79 -5.30
CA LEU A 59 35.75 6.16 -6.55
C LEU A 59 35.56 7.67 -6.58
N CYS A 60 35.91 8.29 -7.70
CA CYS A 60 35.84 9.74 -7.87
C CYS A 60 34.73 10.09 -8.86
N PHE A 61 33.88 11.03 -8.47
CA PHE A 61 32.78 11.50 -9.30
C PHE A 61 32.86 13.01 -9.44
N THR A 62 31.91 13.59 -10.17
CA THR A 62 31.84 15.03 -10.39
C THR A 62 30.77 15.70 -9.54
N ASN A 63 29.54 15.19 -9.58
CA ASN A 63 28.44 15.76 -8.82
C ASN A 63 27.65 14.66 -8.13
N VAL A 64 27.23 14.93 -6.90
CA VAL A 64 26.43 14.00 -6.12
C VAL A 64 25.14 14.70 -5.72
N TYR A 65 24.00 14.04 -5.97
CA TYR A 65 22.70 14.60 -5.71
C TYR A 65 22.06 13.90 -4.52
N ALA A 66 21.49 14.69 -3.60
CA ALA A 66 20.82 14.17 -2.42
C ALA A 66 19.35 14.54 -2.49
N ASP A 67 18.49 13.54 -2.28
CA ASP A 67 17.05 13.72 -2.38
C ASP A 67 16.39 13.24 -1.10
N SER A 68 15.33 13.94 -0.67
CA SER A 68 14.67 13.63 0.59
C SER A 68 13.17 13.56 0.38
N PHE A 69 12.55 12.54 0.97
CA PHE A 69 11.10 12.35 0.96
C PHE A 69 10.78 11.23 1.94
N VAL A 70 9.58 11.29 2.50
CA VAL A 70 9.13 10.32 3.50
C VAL A 70 7.84 9.68 3.02
N ILE A 71 7.82 8.36 2.93
CA ILE A 71 6.67 7.60 2.47
C ILE A 71 6.41 6.47 3.47
N ARG A 72 5.39 5.67 3.16
CA ARG A 72 5.01 4.56 4.03
C ARG A 72 5.95 3.38 3.82
N GLY A 73 5.82 2.37 4.69
CA GLY A 73 6.74 1.25 4.65
C GLY A 73 6.63 0.41 3.40
N ASP A 74 5.40 0.14 2.95
CA ASP A 74 5.19 -0.75 1.81
C ASP A 74 5.60 -0.13 0.48
N GLU A 75 5.82 1.18 0.42
CA GLU A 75 6.15 1.86 -0.82
C GLU A 75 7.64 1.88 -1.11
N VAL A 76 8.48 1.40 -0.19
CA VAL A 76 9.93 1.49 -0.38
C VAL A 76 10.39 0.68 -1.58
N ARG A 77 9.64 -0.37 -1.93
CA ARG A 77 10.00 -1.19 -3.09
C ARG A 77 9.69 -0.50 -4.41
N GLN A 78 8.96 0.61 -4.40
CA GLN A 78 8.66 1.36 -5.61
C GLN A 78 9.73 2.38 -5.97
N ILE A 79 10.89 2.32 -5.31
CA ILE A 79 11.99 3.24 -5.60
C ILE A 79 13.12 2.41 -6.20
N ALA A 80 12.76 1.34 -6.90
CA ALA A 80 13.72 0.51 -7.60
C ALA A 80 13.68 0.80 -9.10
N PRO A 81 14.80 0.62 -9.80
CA PRO A 81 14.82 0.86 -11.25
C PRO A 81 13.83 -0.06 -11.97
N GLY A 82 13.16 0.50 -12.97
CA GLY A 82 12.20 -0.27 -13.75
C GLY A 82 11.02 -0.76 -12.95
N GLN A 83 10.46 0.08 -12.09
CA GLN A 83 9.31 -0.27 -11.27
C GLN A 83 8.13 0.62 -11.62
N THR A 84 6.93 0.07 -11.48
CA THR A 84 5.70 0.79 -11.75
C THR A 84 4.81 0.77 -10.52
N GLY A 85 4.28 1.93 -10.18
CA GLY A 85 3.39 2.07 -9.04
C GLY A 85 2.84 3.48 -9.03
N LYS A 86 2.02 3.77 -8.01
CA LYS A 86 1.48 5.12 -7.91
C LYS A 86 2.58 6.14 -7.69
N ILE A 87 3.54 5.83 -6.83
CA ILE A 87 4.67 6.72 -6.61
C ILE A 87 5.50 6.84 -7.88
N ALA A 88 5.89 5.71 -8.47
CA ALA A 88 6.74 5.72 -9.65
C ALA A 88 6.05 6.30 -10.88
N ASP A 89 4.74 6.47 -10.85
CA ASP A 89 4.02 7.04 -11.98
C ASP A 89 3.63 8.50 -11.77
N TYR A 90 3.33 8.92 -10.53
CA TYR A 90 2.77 10.23 -10.30
C TYR A 90 3.60 11.12 -9.39
N ASN A 91 4.53 10.55 -8.60
CA ASN A 91 5.27 11.32 -7.61
C ASN A 91 6.76 11.36 -7.89
N TYR A 92 7.40 10.21 -8.07
CA TYR A 92 8.85 10.15 -8.20
C TYR A 92 9.23 8.94 -9.03
N LYS A 93 9.80 9.17 -10.22
CA LYS A 93 10.17 8.11 -11.15
C LYS A 93 11.69 8.05 -11.29
N LEU A 94 12.22 6.83 -11.31
CA LEU A 94 13.64 6.61 -11.48
C LEU A 94 13.92 6.07 -12.87
N PRO A 95 15.01 6.52 -13.52
CA PRO A 95 15.35 5.99 -14.84
C PRO A 95 15.83 4.56 -14.76
N ASP A 96 15.68 3.84 -15.87
CA ASP A 96 16.11 2.44 -15.92
C ASP A 96 17.62 2.31 -15.72
N ASP A 97 18.39 3.23 -16.32
CA ASP A 97 19.84 3.21 -16.22
C ASP A 97 20.36 3.97 -15.02
N PHE A 98 19.55 4.10 -13.97
CA PHE A 98 19.96 4.82 -12.78
C PHE A 98 21.14 4.16 -12.08
N THR A 99 22.02 4.99 -11.55
CA THR A 99 23.11 4.55 -10.68
C THR A 99 23.06 5.35 -9.40
N GLY A 100 23.53 4.74 -8.32
CA GLY A 100 23.40 5.28 -6.98
C GLY A 100 22.76 4.27 -6.06
N CYS A 101 22.47 4.74 -4.84
CA CYS A 101 21.92 3.86 -3.82
C CYS A 101 20.80 4.56 -3.07
N VAL A 102 19.90 3.76 -2.51
CA VAL A 102 18.70 4.24 -1.82
C VAL A 102 18.77 3.79 -0.37
N ILE A 103 18.52 4.73 0.55
CA ILE A 103 18.63 4.49 1.99
C ILE A 103 17.25 4.71 2.61
N ALA A 104 16.80 3.75 3.41
CA ALA A 104 15.51 3.87 4.08
C ALA A 104 15.61 3.31 5.49
N TRP A 105 15.01 4.01 6.45
CA TRP A 105 14.97 3.56 7.83
C TRP A 105 13.62 3.97 8.44
N ASN A 106 13.18 3.19 9.43
CA ASN A 106 11.92 3.46 10.10
C ASN A 106 11.98 4.77 10.88
N SER A 107 10.89 5.52 10.84
CA SER A 107 10.82 6.81 11.50
C SER A 107 9.46 7.02 12.16
N ASN A 108 8.98 6.00 12.88
CA ASN A 108 7.75 6.16 13.64
C ASN A 108 7.88 7.23 14.70
N ASN A 109 8.99 7.25 15.42
CA ASN A 109 9.20 8.10 16.58
C ASN A 109 9.39 9.58 16.23
N LEU A 110 9.23 10.00 14.98
CA LEU A 110 9.47 11.39 14.63
C LEU A 110 8.29 12.05 13.92
N ASP A 111 7.59 11.33 13.04
CA ASP A 111 6.54 11.91 12.23
C ASP A 111 5.15 11.41 12.58
N SER A 112 5.01 10.59 13.62
CA SER A 112 3.71 10.05 14.03
C SER A 112 3.21 10.81 15.24
N LYS A 113 1.97 11.32 15.15
CA LYS A 113 1.37 12.09 16.23
C LYS A 113 0.03 11.48 16.59
N VAL A 114 -0.39 11.70 17.83
CA VAL A 114 -1.67 11.20 18.30
C VAL A 114 -2.80 11.96 17.62
N GLY A 115 -3.77 11.24 17.07
CA GLY A 115 -4.89 11.84 16.37
C GLY A 115 -4.68 12.01 14.89
N GLY A 116 -3.50 11.72 14.38
CA GLY A 116 -3.23 11.84 12.95
C GLY A 116 -2.22 12.94 12.67
N ASN A 117 -1.51 12.79 11.55
CA ASN A 117 -0.50 13.76 11.11
C ASN A 117 -0.92 14.24 9.72
N TYR A 118 -1.62 15.36 9.67
CA TYR A 118 -2.06 15.95 8.41
C TYR A 118 -1.02 16.95 7.88
N ASN A 119 0.23 16.51 7.79
CA ASN A 119 1.33 17.35 7.33
C ASN A 119 1.97 16.85 6.05
N TYR A 120 2.03 15.55 5.83
CA TYR A 120 2.64 14.97 4.64
C TYR A 120 1.57 14.66 3.62
N LEU A 121 1.89 14.92 2.35
CA LEU A 121 0.96 14.71 1.25
C LEU A 121 1.66 13.93 0.14
N TYR A 122 0.89 13.58 -0.88
CA TYR A 122 1.42 12.88 -2.05
C TYR A 122 0.46 13.09 -3.21
N ARG A 123 0.99 12.96 -4.42
CA ARG A 123 0.19 13.20 -5.61
C ARG A 123 -0.75 12.04 -5.86
N LEU A 124 -2.03 12.36 -6.13
CA LEU A 124 -3.06 11.34 -6.30
C LEU A 124 -3.23 10.95 -7.77
N PHE A 125 -3.54 11.93 -8.62
CA PHE A 125 -3.77 11.70 -10.03
C PHE A 125 -2.91 12.62 -10.87
N ARG A 126 -2.55 12.17 -12.07
CA ARG A 126 -1.86 12.98 -13.05
C ARG A 126 -2.49 12.75 -14.42
N LYS A 127 -2.44 13.79 -15.25
CA LYS A 127 -3.04 13.69 -16.57
C LYS A 127 -2.35 12.62 -17.42
N SER A 128 -1.02 12.54 -17.32
CA SER A 128 -0.25 11.55 -18.06
C SER A 128 0.80 10.97 -17.10
N ASN A 129 1.73 10.20 -17.66
CA ASN A 129 2.80 9.61 -16.87
C ASN A 129 3.84 10.69 -16.54
N LEU A 130 4.84 10.32 -15.75
CA LEU A 130 5.83 11.26 -15.26
C LEU A 130 7.19 10.93 -15.83
N LYS A 131 7.85 11.93 -16.41
CA LYS A 131 9.20 11.75 -16.92
C LYS A 131 10.16 11.46 -15.76
N PRO A 132 11.17 10.61 -15.98
CA PRO A 132 12.16 10.36 -14.92
C PRO A 132 12.82 11.66 -14.45
N PHE A 133 13.03 11.75 -13.14
CA PHE A 133 13.64 12.92 -12.51
C PHE A 133 12.88 14.21 -12.85
N GLU A 134 11.56 14.14 -12.70
CA GLU A 134 10.70 15.29 -12.87
C GLU A 134 9.94 15.56 -11.58
N ARG A 135 9.71 16.85 -11.30
CA ARG A 135 9.01 17.28 -10.11
C ARG A 135 7.82 18.13 -10.50
N ASP A 136 6.68 17.91 -9.84
CA ASP A 136 5.46 18.64 -10.11
C ASP A 136 4.93 19.25 -8.81
N ILE A 137 4.63 20.53 -8.84
CA ILE A 137 4.07 21.25 -7.71
C ILE A 137 2.65 21.73 -7.97
N SER A 138 2.16 21.59 -9.20
CA SER A 138 0.86 22.13 -9.56
C SER A 138 -0.25 21.53 -8.71
N THR A 139 -1.17 22.38 -8.25
CA THR A 139 -2.31 21.98 -7.45
C THR A 139 -3.62 22.11 -8.20
N GLU A 140 -3.57 22.20 -9.53
CA GLU A 140 -4.79 22.34 -10.32
C GLU A 140 -5.65 21.09 -10.17
N ILE A 141 -6.98 21.30 -10.19
CA ILE A 141 -7.92 20.22 -10.00
C ILE A 141 -7.82 19.23 -11.16
N TYR A 142 -7.46 17.99 -10.86
CA TYR A 142 -7.38 16.97 -11.88
C TYR A 142 -8.75 16.65 -12.44
N GLN A 143 -8.82 16.41 -13.74
CA GLN A 143 -10.07 16.11 -14.44
C GLN A 143 -10.01 14.68 -14.98
N ALA A 144 -11.01 13.88 -14.62
CA ALA A 144 -11.10 12.49 -15.08
C ALA A 144 -12.37 12.26 -15.87
N GLY A 145 -12.94 13.32 -16.46
CA GLY A 145 -14.17 13.20 -17.21
C GLY A 145 -14.17 14.00 -18.49
N SER A 146 -15.36 14.42 -18.93
CA SER A 146 -15.51 15.18 -20.16
C SER A 146 -16.05 16.58 -19.93
N THR A 147 -16.07 17.05 -18.68
CA THR A 147 -16.58 18.38 -18.38
C THR A 147 -15.49 19.21 -17.70
N PRO A 148 -15.34 20.48 -18.09
CA PRO A 148 -14.32 21.32 -17.45
C PRO A 148 -14.59 21.48 -15.96
N CYS A 149 -13.50 21.48 -15.18
CA CYS A 149 -13.63 21.59 -13.73
C CYS A 149 -13.93 23.02 -13.29
N ASN A 150 -13.49 24.01 -14.07
CA ASN A 150 -13.71 25.43 -13.78
C ASN A 150 -13.08 25.85 -12.46
N GLY A 151 -12.09 25.10 -11.98
CA GLY A 151 -11.39 25.47 -10.77
C GLY A 151 -12.15 25.25 -9.48
N VAL A 152 -13.28 24.55 -9.52
CA VAL A 152 -14.10 24.30 -8.35
C VAL A 152 -14.29 22.80 -8.19
N GLU A 153 -14.13 22.31 -6.97
CA GLU A 153 -14.29 20.89 -6.70
C GLU A 153 -15.75 20.48 -6.88
N GLY A 154 -15.95 19.28 -7.43
CA GLY A 154 -17.28 18.76 -7.66
C GLY A 154 -17.27 17.37 -8.24
N PHE A 155 -18.29 17.04 -9.03
CA PHE A 155 -18.36 15.73 -9.67
C PHE A 155 -17.24 15.59 -10.70
N ASN A 156 -16.50 14.49 -10.61
CA ASN A 156 -15.38 14.19 -11.50
C ASN A 156 -14.30 15.28 -11.47
N CYS A 157 -14.18 15.99 -10.35
CA CYS A 157 -13.17 17.04 -10.19
C CYS A 157 -12.54 16.85 -8.81
N TYR A 158 -11.35 16.28 -8.77
CA TYR A 158 -10.74 15.82 -7.54
C TYR A 158 -9.42 16.55 -7.29
N PHE A 159 -9.14 16.79 -6.03
CA PHE A 159 -7.87 17.41 -5.65
C PHE A 159 -6.72 16.44 -5.94
N PRO A 160 -5.65 16.88 -6.61
CA PRO A 160 -4.57 15.96 -6.97
C PRO A 160 -3.72 15.52 -5.79
N LEU A 161 -3.95 16.06 -4.61
CA LEU A 161 -3.12 15.78 -3.44
C LEU A 161 -3.98 15.30 -2.29
N GLN A 162 -3.48 14.29 -1.57
CA GLN A 162 -4.11 13.80 -0.36
C GLN A 162 -3.09 13.75 0.77
N SER A 163 -3.57 13.91 1.99
CA SER A 163 -2.72 13.93 3.17
C SER A 163 -2.68 12.55 3.81
N TYR A 164 -1.50 12.15 4.28
CA TYR A 164 -1.37 10.89 4.99
C TYR A 164 -2.07 10.97 6.35
N GLY A 165 -2.27 9.81 6.96
CA GLY A 165 -2.90 9.74 8.26
C GLY A 165 -1.97 9.14 9.31
N PHE A 166 -0.71 9.57 9.31
CA PHE A 166 0.29 8.97 10.18
C PHE A 166 -0.14 9.05 11.65
N GLN A 167 0.04 7.93 12.35
CA GLN A 167 -0.39 7.77 13.73
C GLN A 167 0.43 6.63 14.31
N PRO A 168 0.84 6.72 15.58
CA PRO A 168 1.67 5.65 16.17
C PRO A 168 0.97 4.30 16.27
N THR A 169 -0.32 4.21 15.97
CA THR A 169 -1.06 2.97 16.06
C THR A 169 -1.20 2.25 14.73
N ASN A 170 -0.51 2.71 13.70
CA ASN A 170 -0.61 2.09 12.38
C ASN A 170 0.20 0.80 12.33
N GLY A 171 0.10 0.09 11.21
CA GLY A 171 0.78 -1.17 11.04
C GLY A 171 2.25 -1.01 10.67
N VAL A 172 2.90 -2.16 10.49
CA VAL A 172 4.33 -2.15 10.20
C VAL A 172 4.62 -1.48 8.86
N GLY A 173 3.89 -1.89 7.82
CA GLY A 173 4.10 -1.34 6.50
C GLY A 173 3.39 -0.03 6.23
N TYR A 174 2.61 0.46 7.19
CA TYR A 174 1.87 1.71 7.05
C TYR A 174 2.43 2.80 7.95
N GLN A 175 3.73 2.75 8.26
CA GLN A 175 4.45 3.64 9.13
C GLN A 175 5.39 4.54 8.32
N PRO A 176 5.70 5.74 8.82
CA PRO A 176 6.58 6.64 8.08
C PRO A 176 7.95 6.01 7.85
N TYR A 177 8.52 6.27 6.68
CA TYR A 177 9.84 5.78 6.33
C TYR A 177 10.63 6.92 5.71
N ARG A 178 11.75 7.28 6.33
CA ARG A 178 12.61 8.33 5.81
C ARG A 178 13.53 7.75 4.75
N VAL A 179 13.43 8.26 3.52
CA VAL A 179 14.15 7.72 2.38
C VAL A 179 15.00 8.83 1.77
N VAL A 180 16.29 8.55 1.57
CA VAL A 180 17.20 9.43 0.86
C VAL A 180 17.91 8.62 -0.22
N VAL A 181 17.99 9.17 -1.41
CA VAL A 181 18.61 8.50 -2.56
C VAL A 181 19.73 9.38 -3.09
N LEU A 182 20.88 8.77 -3.36
CA LEU A 182 22.07 9.48 -3.83
C LEU A 182 22.30 9.16 -5.29
N SER A 183 22.55 10.20 -6.09
CA SER A 183 22.82 10.05 -7.51
C SER A 183 24.26 10.45 -7.79
N PHE A 184 25.00 9.56 -8.45
CA PHE A 184 26.39 9.79 -8.80
C PHE A 184 26.50 9.95 -10.31
N GLU A 185 27.10 11.06 -10.75
CA GLU A 185 27.25 11.37 -12.16
C GLU A 185 28.69 11.72 -12.46
N LEU A 186 29.19 11.23 -13.60
CA LEU A 186 30.50 11.56 -14.10
C LEU A 186 30.34 12.28 -15.44
N LEU A 187 31.05 13.39 -15.61
CA LEU A 187 30.95 14.22 -16.80
C LEU A 187 32.32 14.38 -17.43
N HIS A 188 32.39 15.17 -18.49
CA HIS A 188 33.64 15.47 -19.17
C HIS A 188 34.52 16.43 -18.38
N ALA A 189 33.99 17.05 -17.32
CA ALA A 189 34.72 17.92 -16.42
C ALA A 189 35.58 17.09 -15.46
N PRO A 190 36.69 17.64 -14.98
CA PRO A 190 37.52 16.90 -14.02
C PRO A 190 36.75 16.54 -12.77
N ALA A 191 37.00 15.34 -12.25
CA ALA A 191 36.31 14.88 -11.06
C ALA A 191 36.74 15.69 -9.84
N THR A 192 35.77 16.01 -8.99
CA THR A 192 36.02 16.78 -7.78
C THR A 192 35.67 16.03 -6.51
N VAL A 193 34.58 15.27 -6.51
CA VAL A 193 34.17 14.49 -5.34
C VAL A 193 34.94 13.18 -5.37
N CYS A 194 35.82 12.99 -4.39
CA CYS A 194 36.65 11.81 -4.29
C CYS A 194 36.58 11.23 -2.89
N GLY A 195 37.17 10.06 -2.70
CA GLY A 195 37.21 9.42 -1.41
C GLY A 195 38.29 9.97 -0.52
N PRO A 196 38.39 9.40 0.69
CA PRO A 196 39.40 9.79 1.68
C PRO A 196 40.82 9.68 1.16
N VAL B 21 -1.85 -12.01 -12.79
CA VAL B 21 -1.60 -12.59 -11.48
C VAL B 21 -2.73 -13.55 -11.09
N GLN B 22 -2.36 -14.77 -10.71
CA GLN B 22 -3.31 -15.78 -10.28
C GLN B 22 -2.86 -16.37 -8.96
N LEU B 23 -3.82 -16.73 -8.12
CA LEU B 23 -3.56 -17.31 -6.81
C LEU B 23 -4.32 -18.62 -6.68
N LYS B 24 -3.62 -19.67 -6.24
CA LYS B 24 -4.19 -20.99 -6.08
C LYS B 24 -3.81 -21.54 -4.72
N GLU B 25 -4.77 -22.20 -4.06
CA GLU B 25 -4.53 -22.83 -2.77
C GLU B 25 -5.16 -24.22 -2.76
N SER B 26 -4.59 -25.10 -1.94
CA SER B 26 -5.05 -26.48 -1.81
C SER B 26 -5.47 -26.73 -0.37
N GLY B 27 -6.67 -27.26 -0.19
CA GLY B 27 -7.19 -27.55 1.13
C GLY B 27 -7.60 -28.99 1.28
N PRO B 28 -7.43 -29.54 2.48
CA PRO B 28 -7.84 -30.94 2.72
C PRO B 28 -9.32 -31.18 2.52
N GLY B 29 -10.16 -30.19 2.82
CA GLY B 29 -11.59 -30.34 2.65
C GLY B 29 -12.31 -30.84 3.89
N LEU B 30 -12.09 -32.11 4.24
CA LEU B 30 -12.74 -32.74 5.38
C LEU B 30 -11.68 -33.12 6.41
N VAL B 31 -11.81 -32.58 7.62
CA VAL B 31 -10.89 -32.88 8.71
C VAL B 31 -11.72 -33.20 9.97
N ALA B 32 -11.19 -34.12 10.76
CA ALA B 32 -11.85 -34.47 12.01
C ALA B 32 -11.70 -33.33 13.02
N PRO B 33 -12.65 -33.19 13.95
CA PRO B 33 -12.51 -32.15 14.98
C PRO B 33 -11.28 -32.40 15.85
N SER B 34 -10.76 -31.30 16.41
CA SER B 34 -9.57 -31.34 17.25
C SER B 34 -8.37 -31.94 16.51
N GLN B 35 -8.20 -31.53 15.26
CA GLN B 35 -7.08 -31.98 14.44
C GLN B 35 -6.44 -30.79 13.75
N SER B 36 -5.18 -30.94 13.38
CA SER B 36 -4.43 -29.87 12.76
C SER B 36 -4.96 -29.57 11.37
N LEU B 37 -4.77 -28.32 10.94
CA LEU B 37 -5.17 -27.85 9.63
C LEU B 37 -3.99 -27.13 8.99
N SER B 38 -3.75 -27.42 7.71
CA SER B 38 -2.65 -26.79 6.97
C SER B 38 -3.14 -26.43 5.59
N ILE B 39 -3.10 -25.14 5.27
CA ILE B 39 -3.50 -24.63 3.97
C ILE B 39 -2.33 -23.88 3.36
N THR B 40 -2.01 -24.18 2.10
CA THR B 40 -0.93 -23.53 1.39
C THR B 40 -1.50 -22.74 0.22
N CYS B 41 -1.03 -21.51 0.04
CA CYS B 41 -1.46 -20.64 -1.04
C CYS B 41 -0.27 -20.36 -1.95
N THR B 42 -0.47 -20.57 -3.25
CA THR B 42 0.59 -20.43 -4.24
C THR B 42 0.35 -19.20 -5.10
N VAL B 43 1.44 -18.66 -5.66
CA VAL B 43 1.39 -17.50 -6.54
C VAL B 43 1.95 -17.90 -7.89
N SER B 44 1.37 -17.35 -8.95
CA SER B 44 1.77 -17.65 -10.32
C SER B 44 2.10 -16.36 -11.05
N GLY B 45 3.25 -16.35 -11.72
CA GLY B 45 3.67 -15.19 -12.49
C GLY B 45 3.87 -13.94 -11.67
N LEU B 46 4.43 -14.07 -10.48
CA LEU B 46 4.63 -12.93 -9.58
C LEU B 46 5.65 -13.36 -8.53
N SER B 47 5.96 -12.45 -7.60
CA SER B 47 6.92 -12.73 -6.54
C SER B 47 6.42 -12.12 -5.24
N LEU B 48 6.66 -12.81 -4.14
CA LEU B 48 6.23 -12.31 -2.83
C LEU B 48 6.94 -11.02 -2.47
N ILE B 49 8.26 -11.09 -2.29
CA ILE B 49 9.13 -9.94 -2.01
C ILE B 49 8.45 -9.07 -0.94
N GLY B 50 8.25 -7.79 -1.23
CA GLY B 50 7.62 -6.90 -0.27
C GLY B 50 6.13 -6.69 -0.46
N TYR B 51 5.39 -7.78 -0.62
CA TYR B 51 3.94 -7.72 -0.79
C TYR B 51 3.27 -8.49 0.34
N GLY B 52 2.30 -7.85 1.00
CA GLY B 52 1.60 -8.49 2.08
C GLY B 52 0.58 -9.51 1.59
N VAL B 53 0.29 -10.47 2.46
CA VAL B 53 -0.70 -11.52 2.18
C VAL B 53 -1.65 -11.58 3.36
N ASN B 54 -2.95 -11.48 3.10
CA ASN B 54 -3.98 -11.54 4.12
C ASN B 54 -4.79 -12.81 3.97
N TRP B 55 -5.18 -13.40 5.10
CA TRP B 55 -6.02 -14.60 5.11
C TRP B 55 -7.41 -14.21 5.60
N VAL B 56 -8.41 -14.44 4.77
CA VAL B 56 -9.79 -14.09 5.06
C VAL B 56 -10.67 -15.31 4.81
N ARG B 57 -11.59 -15.58 5.73
CA ARG B 57 -12.49 -16.71 5.62
C ARG B 57 -13.94 -16.24 5.73
N GLN B 58 -14.85 -17.04 5.18
CA GLN B 58 -16.26 -16.70 5.17
C GLN B 58 -17.13 -17.93 5.42
N PRO B 59 -17.78 -18.02 6.57
CA PRO B 59 -18.66 -19.15 6.82
C PRO B 59 -19.88 -19.10 5.91
N PRO B 60 -20.44 -20.25 5.55
CA PRO B 60 -21.62 -20.24 4.66
C PRO B 60 -22.80 -19.51 5.28
N GLY B 61 -23.52 -18.76 4.45
CA GLY B 61 -24.67 -18.02 4.90
C GLY B 61 -24.36 -16.77 5.70
N LYS B 62 -23.10 -16.33 5.75
CA LYS B 62 -22.73 -15.18 6.56
C LYS B 62 -21.81 -14.23 5.80
N GLY B 63 -21.28 -13.22 6.49
CA GLY B 63 -20.36 -12.28 5.89
C GLY B 63 -18.91 -12.71 6.02
N LEU B 64 -18.02 -11.79 5.66
CA LEU B 64 -16.59 -12.07 5.72
C LEU B 64 -16.10 -12.09 7.16
N GLU B 65 -14.88 -12.59 7.34
CA GLU B 65 -14.31 -12.77 8.67
C GLU B 65 -12.80 -12.71 8.57
N TRP B 66 -12.20 -11.71 9.20
CA TRP B 66 -10.75 -11.56 9.17
C TRP B 66 -10.09 -12.64 10.02
N LEU B 67 -8.96 -13.15 9.54
CA LEU B 67 -8.20 -14.17 10.26
C LEU B 67 -6.83 -13.68 10.71
N GLY B 68 -6.03 -13.15 9.81
CA GLY B 68 -4.67 -12.79 10.14
C GLY B 68 -4.05 -11.91 9.10
N MET B 69 -2.73 -11.81 9.15
CA MET B 69 -1.99 -10.89 8.30
C MET B 69 -0.50 -11.18 8.41
N ILE B 70 0.19 -11.14 7.28
CA ILE B 70 1.64 -11.17 7.23
C ILE B 70 2.12 -10.03 6.35
N TRP B 71 3.19 -9.36 6.77
CA TRP B 71 3.73 -8.22 6.04
C TRP B 71 4.89 -8.68 5.16
N GLY B 72 5.42 -7.73 4.39
CA GLY B 72 6.52 -8.05 3.48
C GLY B 72 7.79 -8.43 4.22
N ASP B 73 8.06 -7.79 5.35
CA ASP B 73 9.30 -8.01 6.08
C ASP B 73 9.24 -9.22 7.01
N GLY B 74 8.12 -9.92 7.08
CA GLY B 74 7.98 -11.09 7.91
C GLY B 74 7.18 -10.90 9.18
N SER B 75 6.89 -9.66 9.55
CA SER B 75 6.07 -9.42 10.74
C SER B 75 4.63 -9.86 10.49
N THR B 76 3.96 -10.26 11.56
CA THR B 76 2.62 -10.82 11.48
C THR B 76 1.70 -10.11 12.46
N ASP B 77 0.40 -10.12 12.15
CA ASP B 77 -0.60 -9.46 12.98
C ASP B 77 -1.87 -10.29 12.92
N TYR B 78 -2.17 -11.00 14.01
CA TYR B 78 -3.23 -12.00 14.02
C TYR B 78 -4.53 -11.44 14.59
N ASN B 79 -5.60 -12.20 14.39
CA ASN B 79 -6.87 -11.90 15.04
C ASN B 79 -6.73 -12.06 16.54
N SER B 80 -7.40 -11.20 17.30
CA SER B 80 -7.20 -11.16 18.74
C SER B 80 -7.63 -12.46 19.40
N THR B 81 -8.77 -13.01 19.00
CA THR B 81 -9.34 -14.18 19.65
C THR B 81 -8.81 -15.49 19.06
N LEU B 82 -7.90 -15.44 18.09
CA LEU B 82 -7.36 -16.64 17.49
C LEU B 82 -5.84 -16.70 17.51
N LYS B 83 -5.19 -15.80 18.26
CA LYS B 83 -3.73 -15.79 18.32
C LYS B 83 -3.17 -17.04 18.97
N SER B 84 -3.94 -17.70 19.83
CA SER B 84 -3.45 -18.90 20.51
C SER B 84 -3.31 -20.07 19.55
N ARG B 85 -4.11 -20.10 18.49
CA ARG B 85 -4.17 -21.23 17.57
C ARG B 85 -3.51 -20.95 16.23
N LEU B 86 -3.58 -19.71 15.74
CA LEU B 86 -3.14 -19.41 14.39
C LEU B 86 -1.62 -19.31 14.31
N SER B 87 -1.11 -19.46 13.09
CA SER B 87 0.32 -19.33 12.81
C SER B 87 0.51 -19.17 11.31
N ILE B 88 1.20 -18.11 10.89
CA ILE B 88 1.38 -17.78 9.49
C ILE B 88 2.87 -17.76 9.19
N SER B 89 3.26 -18.45 8.11
CA SER B 89 4.63 -18.45 7.63
C SER B 89 4.62 -18.47 6.11
N LYS B 90 5.72 -18.03 5.51
CA LYS B 90 5.82 -17.98 4.06
C LYS B 90 7.27 -18.19 3.64
N ASP B 91 7.44 -18.60 2.38
CA ASP B 91 8.75 -18.89 1.81
C ASP B 91 8.92 -18.02 0.56
N ASN B 92 9.93 -17.15 0.59
CA ASN B 92 10.18 -16.28 -0.57
C ASN B 92 10.64 -17.07 -1.78
N SER B 93 11.55 -18.04 -1.58
CA SER B 93 12.12 -18.77 -2.70
C SER B 93 11.09 -19.64 -3.39
N LYS B 94 10.34 -20.43 -2.62
CA LYS B 94 9.33 -21.32 -3.20
C LYS B 94 8.04 -20.58 -3.52
N SER B 95 7.88 -19.35 -3.03
CA SER B 95 6.74 -18.49 -3.36
C SER B 95 5.42 -19.12 -2.92
N GLN B 96 5.29 -19.32 -1.62
CA GLN B 96 4.07 -19.87 -1.04
C GLN B 96 3.80 -19.22 0.30
N ILE B 97 2.53 -19.26 0.71
CA ILE B 97 2.09 -18.75 2.01
C ILE B 97 1.39 -19.88 2.74
N PHE B 98 1.73 -20.07 4.01
CA PHE B 98 1.22 -21.17 4.82
C PHE B 98 0.31 -20.64 5.92
N LEU B 99 -0.75 -21.39 6.21
CA LEU B 99 -1.65 -21.11 7.32
C LEU B 99 -1.82 -22.38 8.14
N LYS B 100 -1.63 -22.27 9.45
CA LYS B 100 -1.71 -23.42 10.34
C LYS B 100 -2.71 -23.15 11.45
N MET B 101 -3.52 -24.15 11.76
CA MET B 101 -4.52 -24.07 12.81
C MET B 101 -4.46 -25.32 13.68
N ASN B 102 -4.86 -25.16 14.94
CA ASN B 102 -4.86 -26.27 15.88
C ASN B 102 -6.16 -26.25 16.68
N SER B 103 -6.58 -27.44 17.13
CA SER B 103 -7.77 -27.61 17.94
C SER B 103 -9.00 -26.99 17.26
N LEU B 104 -9.33 -27.54 16.10
CA LEU B 104 -10.42 -27.00 15.30
C LEU B 104 -11.76 -27.23 15.97
N GLN B 105 -12.69 -26.30 15.76
CA GLN B 105 -14.04 -26.36 16.28
C GLN B 105 -15.02 -26.61 15.14
N THR B 106 -16.19 -27.16 15.49
CA THR B 106 -17.21 -27.43 14.49
C THR B 106 -17.63 -26.17 13.75
N ILE B 107 -17.62 -25.02 14.43
CA ILE B 107 -17.96 -23.76 13.79
C ILE B 107 -16.87 -23.32 12.81
N ASP B 108 -15.63 -23.81 12.99
CA ASP B 108 -14.51 -23.38 12.17
C ASP B 108 -14.53 -24.05 10.80
N ASP B 109 -15.63 -23.86 10.09
CA ASP B 109 -15.77 -24.30 8.70
C ASP B 109 -16.18 -23.10 7.86
N ALA B 110 -15.48 -22.90 6.75
CA ALA B 110 -15.69 -21.71 5.92
C ALA B 110 -14.89 -21.88 4.63
N ARG B 111 -14.99 -20.86 3.78
CA ARG B 111 -14.21 -20.78 2.55
C ARG B 111 -13.01 -19.88 2.82
N TYR B 112 -11.80 -20.41 2.59
CA TYR B 112 -10.57 -19.73 2.96
C TYR B 112 -9.90 -19.13 1.73
N TYR B 113 -9.59 -17.84 1.81
CA TYR B 113 -8.93 -17.13 0.72
C TYR B 113 -7.59 -16.59 1.19
N CYS B 114 -6.68 -16.43 0.23
CA CYS B 114 -5.43 -15.70 0.42
C CYS B 114 -5.45 -14.49 -0.48
N VAL B 115 -5.26 -13.31 0.12
CA VAL B 115 -5.48 -12.04 -0.57
C VAL B 115 -4.16 -11.29 -0.65
N ARG B 116 -3.88 -10.73 -1.82
CA ARG B 116 -2.66 -9.98 -2.10
C ARG B 116 -3.00 -8.52 -2.41
N ASP B 117 -1.99 -7.65 -2.31
CA ASP B 117 -2.16 -6.23 -2.54
C ASP B 117 -1.31 -5.76 -3.71
N ASP B 118 -1.79 -4.75 -4.41
CA ASP B 118 -1.10 -4.20 -5.57
C ASP B 118 -0.29 -2.97 -5.16
N ASP B 119 0.23 -2.24 -6.15
CA ASP B 119 1.12 -1.12 -5.94
C ASP B 119 0.44 0.22 -6.16
N TYR B 120 -0.82 0.33 -5.77
CA TYR B 120 -1.58 1.58 -5.89
C TYR B 120 -2.28 1.91 -4.59
N ASP B 121 -1.58 1.69 -3.48
CA ASP B 121 -2.09 2.01 -2.13
C ASP B 121 -3.42 1.33 -1.86
N GLY B 122 -3.67 0.22 -2.53
CA GLY B 122 -4.91 -0.51 -2.35
C GLY B 122 -4.69 -1.94 -1.91
N GLN B 123 -5.07 -2.25 -0.68
CA GLN B 123 -4.96 -3.60 -0.16
C GLN B 123 -6.28 -4.32 -0.36
N PHE B 124 -6.22 -5.66 -0.33
CA PHE B 124 -7.36 -6.50 -0.70
C PHE B 124 -7.72 -6.27 -2.16
N ALA B 125 -6.78 -6.54 -3.06
CA ALA B 125 -6.98 -6.36 -4.49
C ALA B 125 -7.00 -7.68 -5.24
N TYR B 126 -5.98 -8.52 -5.07
CA TYR B 126 -5.90 -9.81 -5.74
C TYR B 126 -6.36 -10.89 -4.77
N TRP B 127 -7.34 -11.67 -5.18
CA TRP B 127 -7.89 -12.74 -4.36
C TRP B 127 -7.63 -14.09 -5.02
N GLY B 128 -8.01 -15.16 -4.31
CA GLY B 128 -7.97 -16.50 -4.84
C GLY B 128 -9.35 -17.03 -5.13
N GLN B 129 -9.38 -18.24 -5.70
CA GLN B 129 -10.66 -18.88 -6.01
C GLN B 129 -11.40 -19.28 -4.75
N GLY B 130 -10.68 -19.70 -3.71
CA GLY B 130 -11.30 -20.06 -2.45
C GLY B 130 -11.41 -21.56 -2.23
N THR B 131 -10.83 -22.04 -1.13
CA THR B 131 -10.89 -23.45 -0.78
C THR B 131 -11.91 -23.66 0.34
N LEU B 132 -12.62 -24.77 0.28
CA LEU B 132 -13.72 -25.08 1.19
C LEU B 132 -13.27 -26.13 2.19
N VAL B 133 -13.43 -25.83 3.47
CA VAL B 133 -13.00 -26.70 4.55
C VAL B 133 -14.20 -26.99 5.44
N THR B 134 -14.50 -28.27 5.65
CA THR B 134 -15.56 -28.72 6.53
C THR B 134 -14.99 -29.62 7.61
N VAL B 135 -15.48 -29.45 8.83
CA VAL B 135 -15.05 -30.26 9.97
C VAL B 135 -16.28 -30.99 10.51
N SER B 136 -16.12 -32.28 10.76
CA SER B 136 -17.23 -33.10 11.24
C SER B 136 -16.73 -34.36 11.93
N ALA C 21 -14.79 -3.59 17.37
CA ALA C 21 -15.37 -2.57 16.52
C ALA C 21 -16.54 -3.12 15.72
N VAL C 22 -17.54 -2.29 15.50
CA VAL C 22 -18.74 -2.68 14.74
C VAL C 22 -18.93 -1.68 13.62
N VAL C 23 -19.03 -2.18 12.39
CA VAL C 23 -19.30 -1.35 11.22
C VAL C 23 -20.55 -1.88 10.53
N THR C 24 -21.31 -0.97 9.93
CA THR C 24 -22.60 -1.30 9.36
C THR C 24 -22.72 -0.71 7.96
N GLN C 25 -23.46 -1.40 7.10
CA GLN C 25 -23.73 -0.95 5.75
C GLN C 25 -25.22 -1.11 5.45
N GLU C 26 -25.66 -0.43 4.39
CA GLU C 26 -27.04 -0.56 3.95
C GLU C 26 -27.31 -1.98 3.42
N SER C 27 -28.52 -2.46 3.66
CA SER C 27 -28.87 -3.82 3.26
C SER C 27 -28.83 -3.98 1.75
N ALA C 28 -29.54 -3.12 1.03
CA ALA C 28 -29.60 -3.20 -0.43
C ALA C 28 -30.18 -1.90 -0.97
N LEU C 29 -29.79 -1.57 -2.20
CA LEU C 29 -30.27 -0.39 -2.89
C LEU C 29 -30.72 -0.77 -4.29
N THR C 30 -31.73 -0.05 -4.80
CA THR C 30 -32.25 -0.25 -6.14
C THR C 30 -31.72 0.85 -7.06
N THR C 31 -31.26 0.45 -8.24
CA THR C 31 -30.59 1.39 -9.14
C THR C 31 -30.98 1.06 -10.58
N SER C 32 -31.19 2.11 -11.37
CA SER C 32 -31.35 2.00 -12.82
C SER C 32 -30.09 2.51 -13.51
N PRO C 33 -29.78 2.03 -14.70
CA PRO C 33 -28.62 2.55 -15.43
C PRO C 33 -28.80 4.03 -15.75
N GLY C 34 -27.70 4.77 -15.65
CA GLY C 34 -27.71 6.17 -16.04
C GLY C 34 -27.38 7.18 -14.95
N GLU C 35 -27.90 6.98 -13.74
CA GLU C 35 -27.69 7.96 -12.68
C GLU C 35 -26.62 7.46 -11.71
N THR C 36 -26.44 8.21 -10.61
CA THR C 36 -25.37 7.98 -9.65
C THR C 36 -25.93 7.51 -8.32
N VAL C 37 -25.18 6.64 -7.65
CA VAL C 37 -25.55 6.10 -6.35
C VAL C 37 -24.35 6.20 -5.41
N THR C 38 -24.61 6.49 -4.14
CA THR C 38 -23.58 6.59 -3.12
C THR C 38 -23.80 5.51 -2.08
N LEU C 39 -22.78 4.70 -1.83
CA LEU C 39 -22.82 3.62 -0.85
C LEU C 39 -21.89 3.99 0.31
N THR C 40 -22.44 4.03 1.52
CA THR C 40 -21.70 4.47 2.68
C THR C 40 -21.27 3.29 3.55
N CYS C 41 -20.34 3.56 4.46
CA CYS C 41 -19.84 2.57 5.40
C CYS C 41 -19.63 3.26 6.73
N ARG C 42 -20.48 2.95 7.71
CA ARG C 42 -20.51 3.66 8.99
C ARG C 42 -19.90 2.80 10.08
N SER C 43 -19.04 3.42 10.89
CA SER C 43 -18.40 2.76 12.02
C SER C 43 -19.02 3.26 13.31
N SER C 44 -19.37 2.34 14.21
CA SER C 44 -20.02 2.70 15.46
C SER C 44 -19.04 3.10 16.54
N THR C 45 -17.74 3.00 16.29
CA THR C 45 -16.73 3.40 17.28
C THR C 45 -16.43 4.89 17.25
N GLY C 46 -17.00 5.64 16.32
CA GLY C 46 -16.78 7.06 16.21
C GLY C 46 -16.79 7.49 14.76
N ALA C 47 -16.35 8.72 14.53
CA ALA C 47 -16.30 9.26 13.17
C ALA C 47 -15.10 8.69 12.43
N VAL C 48 -15.32 8.26 11.19
CA VAL C 48 -14.24 7.72 10.38
C VAL C 48 -13.31 8.86 9.96
N THR C 49 -12.01 8.61 10.04
CA THR C 49 -11.00 9.59 9.67
C THR C 49 -10.21 9.07 8.48
N ILE C 50 -9.20 9.85 8.06
CA ILE C 50 -8.30 9.40 7.02
C ILE C 50 -7.51 8.19 7.48
N SER C 51 -7.17 8.12 8.76
CA SER C 51 -6.33 7.06 9.29
C SER C 51 -7.00 5.69 9.25
N ASN C 52 -8.31 5.62 9.02
CA ASN C 52 -8.99 4.32 9.00
C ASN C 52 -8.58 3.50 7.79
N TYR C 53 -8.24 4.15 6.68
CA TYR C 53 -7.73 3.48 5.47
C TYR C 53 -8.77 2.52 4.89
N VAL C 54 -9.95 3.07 4.62
CA VAL C 54 -11.07 2.26 4.16
C VAL C 54 -10.77 1.71 2.77
N ASN C 55 -10.93 0.40 2.61
CA ASN C 55 -10.81 -0.26 1.32
C ASN C 55 -12.13 -0.88 0.92
N TRP C 56 -12.35 -1.03 -0.38
CA TRP C 56 -13.58 -1.58 -0.91
C TRP C 56 -13.28 -2.76 -1.83
N VAL C 57 -14.10 -3.80 -1.71
CA VAL C 57 -13.97 -5.01 -2.53
C VAL C 57 -15.33 -5.32 -3.15
N GLN C 58 -15.32 -6.16 -4.17
CA GLN C 58 -16.50 -6.47 -4.98
C GLN C 58 -16.76 -7.97 -4.97
N GLU C 59 -18.04 -8.33 -4.92
CA GLU C 59 -18.48 -9.72 -4.95
C GLU C 59 -19.15 -10.03 -6.28
N LYS C 60 -18.75 -11.13 -6.90
CA LYS C 60 -19.40 -11.59 -8.12
C LYS C 60 -19.81 -13.05 -7.96
N PRO C 61 -20.84 -13.50 -8.70
CA PRO C 61 -21.26 -14.90 -8.61
C PRO C 61 -20.12 -15.87 -8.86
N ASP C 62 -20.31 -17.13 -8.43
CA ASP C 62 -19.26 -18.15 -8.41
C ASP C 62 -18.15 -17.78 -7.44
N HIS C 63 -18.44 -16.90 -6.49
CA HIS C 63 -17.50 -16.46 -5.46
C HIS C 63 -16.24 -15.85 -6.08
N LEU C 64 -16.45 -14.74 -6.78
CA LEU C 64 -15.38 -13.99 -7.41
C LEU C 64 -15.21 -12.66 -6.69
N PHE C 65 -13.97 -12.35 -6.30
CA PHE C 65 -13.66 -11.15 -5.55
C PHE C 65 -12.74 -10.25 -6.36
N THR C 66 -12.86 -8.95 -6.14
CA THR C 66 -11.99 -7.98 -6.78
C THR C 66 -11.93 -6.72 -5.91
N GLY C 67 -10.73 -6.17 -5.76
CA GLY C 67 -10.57 -4.93 -5.03
C GLY C 67 -10.69 -3.72 -5.94
N LEU C 68 -11.27 -2.65 -5.40
CA LEU C 68 -11.53 -1.44 -6.18
C LEU C 68 -10.75 -0.23 -5.69
N ILE C 69 -10.88 0.13 -4.41
CA ILE C 69 -10.36 1.40 -3.91
C ILE C 69 -9.54 1.14 -2.66
N GLY C 70 -8.35 1.73 -2.60
CA GLY C 70 -7.55 1.70 -1.40
C GLY C 70 -7.29 3.09 -0.87
N ALA C 71 -6.94 3.21 0.41
CA ALA C 71 -6.66 4.51 1.04
C ALA C 71 -7.81 5.49 0.88
N THR C 72 -9.01 4.96 0.63
CA THR C 72 -10.30 5.67 0.52
C THR C 72 -10.42 6.47 -0.77
N ASN C 73 -9.34 6.67 -1.51
CA ASN C 73 -9.46 7.33 -2.80
C ASN C 73 -8.48 6.85 -3.86
N SER C 74 -7.62 5.86 -3.59
CA SER C 74 -6.57 5.49 -4.53
C SER C 74 -7.13 4.47 -5.52
N ARG C 75 -7.70 4.98 -6.61
CA ARG C 75 -8.25 4.12 -7.64
C ARG C 75 -7.15 3.45 -8.44
N ALA C 76 -7.35 2.19 -8.78
CA ALA C 76 -6.41 1.45 -9.61
C ALA C 76 -6.55 1.88 -11.07
N PRO C 77 -5.46 1.79 -11.85
CA PRO C 77 -5.56 2.20 -13.26
C PRO C 77 -6.44 1.31 -14.12
N GLY C 78 -6.68 0.06 -13.70
CA GLY C 78 -7.52 -0.84 -14.48
C GLY C 78 -8.98 -0.77 -14.09
N VAL C 79 -9.26 -0.23 -12.91
CA VAL C 79 -10.65 -0.08 -12.47
C VAL C 79 -11.31 1.02 -13.29
N PRO C 80 -12.53 0.82 -13.78
CA PRO C 80 -13.20 1.88 -14.56
C PRO C 80 -13.42 3.13 -13.72
N ALA C 81 -13.40 4.28 -14.40
CA ALA C 81 -13.47 5.57 -13.73
C ALA C 81 -14.80 5.83 -13.05
N ARG C 82 -15.82 5.01 -13.30
CA ARG C 82 -17.12 5.24 -12.67
C ARG C 82 -17.09 4.99 -11.18
N PHE C 83 -16.07 4.31 -10.66
CA PHE C 83 -15.96 4.02 -9.24
C PHE C 83 -15.09 5.07 -8.56
N SER C 84 -15.62 5.71 -7.53
CA SER C 84 -14.89 6.74 -6.80
C SER C 84 -15.38 6.77 -5.36
N GLY C 85 -14.45 6.91 -4.43
CA GLY C 85 -14.78 6.92 -3.02
C GLY C 85 -14.13 8.09 -2.30
N SER C 86 -14.78 8.52 -1.22
CA SER C 86 -14.32 9.65 -0.43
C SER C 86 -14.98 9.55 0.95
N LEU C 87 -14.71 10.53 1.80
CA LEU C 87 -15.29 10.61 3.13
C LEU C 87 -16.30 11.74 3.19
N ILE C 88 -17.50 11.43 3.66
CA ILE C 88 -18.57 12.41 3.84
C ILE C 88 -19.01 12.35 5.29
N GLY C 89 -18.71 13.40 6.05
CA GLY C 89 -19.07 13.45 7.45
C GLY C 89 -18.36 12.41 8.29
N ASP C 90 -19.13 11.61 9.02
CA ASP C 90 -18.59 10.57 9.88
C ASP C 90 -18.63 9.18 9.24
N LYS C 91 -18.95 9.09 7.95
CA LYS C 91 -19.06 7.82 7.26
C LYS C 91 -18.33 7.88 5.93
N ALA C 92 -17.55 6.84 5.66
CA ALA C 92 -16.88 6.69 4.37
C ALA C 92 -17.86 6.17 3.34
N ALA C 93 -17.80 6.74 2.14
CA ALA C 93 -18.78 6.44 1.11
C ALA C 93 -18.09 6.14 -0.22
N LEU C 94 -18.77 5.34 -1.04
CA LEU C 94 -18.32 5.01 -2.38
C LEU C 94 -19.36 5.48 -3.39
N THR C 95 -18.91 6.17 -4.43
CA THR C 95 -19.79 6.78 -5.42
C THR C 95 -19.61 6.08 -6.76
N ILE C 96 -20.72 5.67 -7.36
CA ILE C 96 -20.74 5.10 -8.70
C ILE C 96 -21.51 6.05 -9.60
N THR C 97 -20.89 6.44 -10.71
CA THR C 97 -21.50 7.36 -11.65
C THR C 97 -21.80 6.63 -12.96
N GLY C 98 -23.06 6.67 -13.38
CA GLY C 98 -23.46 6.00 -14.59
C GLY C 98 -23.40 4.49 -14.46
N ALA C 99 -24.27 3.93 -13.62
CA ALA C 99 -24.27 2.49 -13.38
C ALA C 99 -24.59 1.74 -14.67
N GLN C 100 -23.94 0.58 -14.83
CA GLN C 100 -24.14 -0.25 -15.99
C GLN C 100 -24.89 -1.52 -15.60
N THR C 101 -25.21 -2.33 -16.60
CA THR C 101 -25.87 -3.61 -16.35
C THR C 101 -24.91 -4.66 -15.80
N GLU C 102 -23.62 -4.35 -15.74
CA GLU C 102 -22.61 -5.27 -15.23
C GLU C 102 -22.13 -4.90 -13.83
N ASP C 103 -22.82 -3.99 -13.15
CA ASP C 103 -22.38 -3.47 -11.88
C ASP C 103 -23.11 -4.07 -10.68
N GLU C 104 -23.91 -5.11 -10.88
CA GLU C 104 -24.56 -5.78 -9.75
C GLU C 104 -23.51 -6.60 -8.99
N ALA C 105 -23.50 -6.44 -7.67
CA ALA C 105 -22.45 -7.05 -6.85
C ALA C 105 -22.82 -6.87 -5.39
N ILE C 106 -21.91 -7.30 -4.52
CA ILE C 106 -21.95 -7.02 -3.09
C ILE C 106 -20.63 -6.36 -2.71
N TYR C 107 -20.70 -5.25 -1.99
CA TYR C 107 -19.54 -4.43 -1.69
C TYR C 107 -19.26 -4.45 -0.19
N PHE C 108 -18.00 -4.68 0.18
CA PHE C 108 -17.57 -4.73 1.56
C PHE C 108 -16.54 -3.63 1.82
N CYS C 109 -16.64 -2.99 2.98
CA CYS C 109 -15.70 -1.96 3.40
C CYS C 109 -14.83 -2.51 4.53
N ALA C 110 -13.52 -2.35 4.38
CA ALA C 110 -12.56 -2.83 5.36
C ALA C 110 -11.87 -1.65 6.03
N LEU C 111 -11.89 -1.64 7.36
CA LEU C 111 -11.35 -0.54 8.14
C LEU C 111 -10.19 -1.03 9.00
N TRP C 112 -9.25 -0.14 9.29
CA TRP C 112 -8.10 -0.46 10.12
C TRP C 112 -8.33 0.13 11.50
N TYR C 113 -8.86 -0.69 12.41
CA TYR C 113 -9.11 -0.29 13.79
C TYR C 113 -8.31 -1.20 14.72
N SER C 114 -7.85 -0.62 15.82
CA SER C 114 -6.98 -1.32 16.76
C SER C 114 -5.76 -1.87 16.03
N ASN C 115 -5.67 -3.19 15.94
CA ASN C 115 -4.59 -3.83 15.20
C ASN C 115 -5.11 -4.98 14.34
N HIS C 116 -6.38 -4.94 13.99
CA HIS C 116 -6.97 -5.98 13.14
C HIS C 116 -7.96 -5.35 12.18
N TRP C 117 -7.91 -5.81 10.93
CA TRP C 117 -8.83 -5.33 9.90
C TRP C 117 -10.25 -5.75 10.21
N VAL C 118 -11.20 -4.85 9.94
CA VAL C 118 -12.60 -5.10 10.23
C VAL C 118 -13.38 -5.03 8.93
N PHE C 119 -14.15 -6.07 8.64
CA PHE C 119 -14.99 -6.12 7.46
C PHE C 119 -16.41 -5.67 7.79
N GLY C 120 -17.14 -5.29 6.75
CA GLY C 120 -18.52 -4.89 6.89
C GLY C 120 -19.49 -6.02 6.57
N GLY C 121 -20.77 -5.72 6.73
CA GLY C 121 -21.80 -6.71 6.47
C GLY C 121 -22.14 -6.92 5.02
N GLY C 122 -21.69 -6.04 4.14
CA GLY C 122 -21.98 -6.19 2.72
C GLY C 122 -23.22 -5.43 2.30
N THR C 123 -23.19 -4.96 1.06
CA THR C 123 -24.31 -4.22 0.46
C THR C 123 -24.57 -4.80 -0.92
N LYS C 124 -25.74 -5.39 -1.10
CA LYS C 124 -26.13 -5.96 -2.39
C LYS C 124 -26.69 -4.85 -3.28
N LEU C 125 -26.20 -4.78 -4.51
CA LEU C 125 -26.63 -3.77 -5.46
C LEU C 125 -27.31 -4.44 -6.64
N THR C 126 -28.48 -3.94 -7.01
CA THR C 126 -29.25 -4.45 -8.14
C THR C 126 -29.45 -3.36 -9.17
N VAL C 127 -29.27 -3.71 -10.43
CA VAL C 127 -29.46 -2.80 -11.56
C VAL C 127 -30.74 -3.19 -12.29
N LEU C 128 -31.56 -2.19 -12.62
CA LEU C 128 -32.83 -2.44 -13.28
C LEU C 128 -32.67 -2.50 -14.79
C1 NAG D . -11.71 -13.12 14.94
C2 NAG D . -12.56 -12.19 14.07
C3 NAG D . -13.96 -12.08 14.66
C4 NAG D . -14.57 -13.46 14.91
C5 NAG D . -13.60 -14.34 15.69
C6 NAG D . -14.07 -15.77 15.82
C7 NAG D . -12.29 -9.99 13.03
C8 NAG D . -11.56 -8.69 13.07
N2 NAG D . -11.95 -10.88 13.97
O3 NAG D . -14.80 -11.35 13.76
O4 NAG D . -15.75 -13.31 15.69
O5 NAG D . -12.32 -14.38 15.03
O6 NAG D . -15.04 -16.09 14.82
O7 NAG D . -13.14 -10.23 12.19
C1 NAG D . -16.94 -13.49 14.92
C2 NAG D . -17.95 -14.26 15.78
C3 NAG D . -19.27 -14.40 15.06
C4 NAG D . -19.79 -13.03 14.62
C5 NAG D . -18.72 -12.32 13.79
C6 NAG D . -19.12 -10.91 13.41
C7 NAG D . -17.37 -15.99 17.42
C8 NAG D . -16.80 -17.35 17.63
N2 NAG D . -17.42 -15.56 16.15
O3 NAG D . -20.22 -15.03 15.91
O4 NAG D . -20.98 -13.17 13.85
O5 NAG D . -17.51 -12.23 14.55
O6 NAG D . -19.93 -10.31 14.40
O7 NAG D . -17.75 -15.30 18.36
C1 BMA D . -22.12 -12.82 14.66
C2 BMA D . -23.07 -11.95 13.81
C3 BMA D . -24.46 -11.81 14.43
C4 BMA D . -24.96 -13.15 15.01
C5 BMA D . -23.91 -13.75 15.93
C6 BMA D . -24.35 -15.06 16.55
O2 BMA D . -23.27 -12.52 12.54
O3 BMA D . -25.40 -11.32 13.50
O4 BMA D . -26.16 -12.92 15.75
O5 BMA D . -22.74 -13.99 15.14
O6 BMA D . -23.39 -15.44 17.53
C1 MAN D . -25.72 -9.95 13.81
C2 MAN D . -27.26 -9.82 13.79
C3 MAN D . -27.77 -9.98 12.36
C4 MAN D . -27.03 -9.04 11.40
C5 MAN D . -25.52 -9.26 11.50
C6 MAN D . -24.72 -8.30 10.66
O2 MAN D . -27.68 -8.52 14.21
O3 MAN D . -29.17 -9.75 12.28
O4 MAN D . -27.44 -9.29 10.07
O5 MAN D . -25.11 -9.07 12.88
O6 MAN D . -23.37 -8.74 10.63
#